data_4RNG
#
_entry.id   4RNG
#
_cell.length_a   52.880
_cell.length_b   96.155
_cell.length_c   119.797
_cell.angle_alpha   90.00
_cell.angle_beta   90.00
_cell.angle_gamma   90.00
#
_symmetry.space_group_name_H-M   'P 21 21 21'
#
loop_
_entity.id
_entity.type
_entity.pdbx_description
1 polymer 'MtN3/saliva family'
2 non-polymer '(2R)-2,3-dihydroxypropyl (9Z)-octadec-9-enoate'
3 non-polymer 'SULFATE ION'
#
_entity_poly.entity_id   1
_entity_poly.type   'polypeptide(L)'
_entity_poly.pdbx_seq_one_letter_code
;MEFSIDLNNLIGIIAGAITTSALIPQALKIYKTKSARDVSLAMFIFMAIGITLWFFYGVLIKEIPVILANLISLILIFLI
IFMKIRYGHHHHHH
;
_entity_poly.pdbx_strand_id   A,B,C,D,E,F
#
loop_
_chem_comp.id
_chem_comp.type
_chem_comp.name
_chem_comp.formula
OLC non-polymer '(2R)-2,3-dihydroxypropyl (9Z)-octadec-9-enoate' 'C21 H40 O4'
SO4 non-polymer 'SULFATE ION' 'O4 S -2'
#
# COMPACT_ATOMS: atom_id res chain seq x y z
N ASP A 6 14.29 -20.47 -6.86
CA ASP A 6 13.12 -21.11 -7.47
C ASP A 6 11.90 -20.20 -7.35
N LEU A 7 11.38 -20.08 -6.13
CA LEU A 7 10.27 -19.18 -5.87
C LEU A 7 10.64 -17.75 -6.26
N ASN A 8 11.84 -17.33 -5.84
CA ASN A 8 12.36 -16.00 -6.12
C ASN A 8 12.34 -15.64 -7.61
N ASN A 9 12.80 -16.58 -8.42
CA ASN A 9 12.87 -16.37 -9.84
C ASN A 9 11.48 -16.34 -10.44
N LEU A 10 10.57 -17.14 -9.90
CA LEU A 10 9.21 -17.11 -10.42
C LEU A 10 8.62 -15.70 -10.30
N ILE A 11 8.68 -15.10 -9.10
CA ILE A 11 8.08 -13.78 -8.90
C ILE A 11 8.85 -12.69 -9.66
N GLY A 12 10.17 -12.76 -9.62
CA GLY A 12 10.96 -11.73 -10.27
C GLY A 12 10.72 -11.68 -11.76
N ILE A 13 10.74 -12.85 -12.37
CA ILE A 13 10.58 -12.94 -13.79
C ILE A 13 9.19 -12.47 -14.15
N ILE A 14 8.20 -12.92 -13.38
CA ILE A 14 6.82 -12.54 -13.66
C ILE A 14 6.67 -11.02 -13.49
N ALA A 15 7.23 -10.47 -12.41
CA ALA A 15 7.25 -9.03 -12.23
C ALA A 15 7.92 -8.31 -13.40
N GLY A 16 9.09 -8.82 -13.80
CA GLY A 16 9.86 -8.20 -14.85
C GLY A 16 9.16 -8.26 -16.18
N ALA A 17 8.49 -9.38 -16.45
CA ALA A 17 7.69 -9.52 -17.66
C ALA A 17 6.54 -8.52 -17.64
N ILE A 18 5.91 -8.36 -16.48
CA ILE A 18 4.81 -7.44 -16.44
C ILE A 18 5.28 -5.99 -16.59
N THR A 19 6.26 -5.54 -15.81
CA THR A 19 6.62 -4.12 -15.88
C THR A 19 7.31 -3.77 -17.18
N THR A 20 8.09 -4.70 -17.72
CA THR A 20 8.76 -4.41 -18.95
C THR A 20 7.73 -4.24 -20.08
N SER A 21 6.78 -5.17 -20.17
CA SER A 21 5.78 -5.17 -21.24
C SER A 21 4.81 -4.01 -21.11
N ALA A 22 4.65 -3.54 -19.88
CA ALA A 22 3.77 -2.42 -19.56
C ALA A 22 4.19 -1.14 -20.27
N LEU A 23 5.47 -1.02 -20.62
CA LEU A 23 5.92 0.15 -21.33
C LEU A 23 5.45 0.18 -22.80
N ILE A 24 5.19 -1.00 -23.36
CA ILE A 24 4.79 -1.08 -24.78
C ILE A 24 3.52 -0.28 -25.15
N PRO A 25 2.43 -0.39 -24.37
CA PRO A 25 1.27 0.40 -24.78
C PRO A 25 1.50 1.91 -24.90
N GLN A 26 2.41 2.49 -24.14
CA GLN A 26 2.63 3.94 -24.25
C GLN A 26 3.27 4.28 -25.60
N ALA A 27 4.22 3.45 -26.05
CA ALA A 27 4.82 3.62 -27.37
C ALA A 27 3.76 3.47 -28.47
N LEU A 28 2.99 2.40 -28.40
CA LEU A 28 1.93 2.11 -29.38
C LEU A 28 0.89 3.24 -29.46
N LYS A 29 0.55 3.82 -28.30
CA LYS A 29 -0.47 4.88 -28.22
C LYS A 29 0.03 6.14 -28.92
N ILE A 30 1.28 6.52 -28.67
CA ILE A 30 1.84 7.68 -29.35
C ILE A 30 1.86 7.44 -30.86
N TYR A 31 2.25 6.24 -31.27
CA TYR A 31 2.35 5.95 -32.69
C TYR A 31 0.98 5.99 -33.35
N LYS A 32 -0.02 5.40 -32.69
CA LYS A 32 -1.34 5.28 -33.30
C LYS A 32 -2.09 6.62 -33.33
N THR A 33 -1.94 7.45 -32.30
CA THR A 33 -2.67 8.69 -32.25
C THR A 33 -1.80 9.81 -32.80
N LYS A 34 -0.52 9.50 -32.99
CA LYS A 34 0.46 10.45 -33.49
C LYS A 34 0.59 11.68 -32.58
N SER A 35 0.33 11.50 -31.29
CA SER A 35 0.42 12.61 -30.37
C SER A 35 0.96 12.18 -29.02
N ALA A 36 1.79 13.03 -28.44
CA ALA A 36 2.45 12.73 -27.20
C ALA A 36 2.54 13.97 -26.31
N ARG A 37 1.62 14.90 -26.50
CA ARG A 37 1.64 16.18 -25.77
C ARG A 37 1.65 15.97 -24.25
N ASP A 38 0.75 15.14 -23.73
CA ASP A 38 0.57 15.04 -22.28
C ASP A 38 1.64 14.17 -21.64
N VAL A 39 2.33 13.40 -22.45
CA VAL A 39 3.36 12.50 -21.96
C VAL A 39 4.55 13.34 -21.51
N SER A 40 5.11 13.01 -20.37
CA SER A 40 6.21 13.79 -19.82
C SER A 40 7.57 13.28 -20.31
N LEU A 41 8.35 14.13 -20.99
CA LEU A 41 9.66 13.67 -21.47
C LEU A 41 10.59 13.50 -20.28
N ALA A 42 10.49 14.41 -19.32
CA ALA A 42 11.31 14.34 -18.13
C ALA A 42 11.18 12.99 -17.44
N MET A 43 9.94 12.52 -17.25
CA MET A 43 9.72 11.21 -16.60
C MET A 43 10.54 10.09 -17.24
N PHE A 44 10.55 10.03 -18.57
CA PHE A 44 11.22 8.91 -19.23
C PHE A 44 12.74 9.07 -19.28
N ILE A 45 13.20 10.30 -19.40
CA ILE A 45 14.63 10.56 -19.27
C ILE A 45 15.08 10.09 -17.89
N PHE A 46 14.37 10.48 -16.84
CA PHE A 46 14.78 10.08 -15.51
C PHE A 46 14.61 8.56 -15.32
N MET A 47 13.58 7.97 -15.91
CA MET A 47 13.43 6.53 -15.78
C MET A 47 14.62 5.80 -16.40
N ALA A 48 15.03 6.24 -17.59
CA ALA A 48 16.16 5.63 -18.27
C ALA A 48 17.38 5.60 -17.36
N ILE A 49 17.73 6.75 -16.78
CA ILE A 49 18.88 6.84 -15.89
C ILE A 49 18.73 5.91 -14.69
N GLY A 50 17.58 5.97 -14.03
CA GLY A 50 17.30 5.10 -12.89
C GLY A 50 17.33 3.62 -13.21
N ILE A 51 16.67 3.24 -14.29
CA ILE A 51 16.64 1.84 -14.70
C ILE A 51 18.03 1.35 -15.08
N THR A 52 18.83 2.25 -15.64
CA THR A 52 20.21 1.93 -15.96
C THR A 52 20.94 1.59 -14.66
N LEU A 53 20.68 2.35 -13.61
CA LEU A 53 21.25 2.04 -12.29
C LEU A 53 20.71 0.77 -11.66
N TRP A 54 19.44 0.49 -11.88
CA TRP A 54 18.88 -0.75 -11.39
C TRP A 54 19.59 -1.93 -12.02
N PHE A 55 19.96 -1.78 -13.29
CA PHE A 55 20.76 -2.79 -14.00
C PHE A 55 22.09 -3.05 -13.27
N PHE A 56 22.85 -1.99 -12.95
CA PHE A 56 24.09 -2.14 -12.15
C PHE A 56 23.83 -2.87 -10.86
N TYR A 57 22.78 -2.44 -10.18
CA TYR A 57 22.36 -3.04 -8.93
C TYR A 57 22.12 -4.53 -9.10
N GLY A 58 21.40 -4.90 -10.15
CA GLY A 58 21.08 -6.30 -10.39
C GLY A 58 22.32 -7.14 -10.56
N VAL A 59 23.30 -6.58 -11.27
CA VAL A 59 24.56 -7.26 -11.48
C VAL A 59 25.32 -7.40 -10.16
N LEU A 60 25.33 -6.34 -9.37
CA LEU A 60 25.99 -6.36 -8.06
C LEU A 60 25.38 -7.37 -7.09
N ILE A 61 24.06 -7.37 -6.95
CA ILE A 61 23.42 -8.31 -6.05
C ILE A 61 23.18 -9.64 -6.77
N LYS A 62 23.59 -9.69 -8.03
CA LYS A 62 23.53 -10.90 -8.84
C LYS A 62 22.14 -11.48 -9.02
N GLU A 63 21.19 -10.63 -9.40
CA GLU A 63 19.82 -11.08 -9.62
C GLU A 63 19.51 -10.94 -11.10
N ILE A 64 19.48 -12.06 -11.79
CA ILE A 64 19.27 -12.08 -13.23
C ILE A 64 17.91 -11.43 -13.60
N PRO A 65 16.83 -11.70 -12.83
CA PRO A 65 15.61 -11.01 -13.23
C PRO A 65 15.71 -9.50 -13.17
N VAL A 66 16.42 -8.94 -12.21
CA VAL A 66 16.63 -7.50 -12.21
C VAL A 66 17.49 -7.05 -13.39
N ILE A 67 18.55 -7.80 -13.70
CA ILE A 67 19.44 -7.45 -14.80
C ILE A 67 18.70 -7.41 -16.12
N LEU A 68 18.09 -8.55 -16.48
CA LEU A 68 17.42 -8.69 -17.75
C LEU A 68 16.19 -7.77 -17.93
N ALA A 69 15.32 -7.70 -16.92
CA ALA A 69 14.13 -6.86 -17.03
C ALA A 69 14.50 -5.41 -17.32
N ASN A 70 15.55 -4.92 -16.68
CA ASN A 70 15.91 -3.53 -16.85
C ASN A 70 16.64 -3.26 -18.18
N LEU A 71 17.45 -4.19 -18.67
CA LEU A 71 17.98 -4.00 -20.01
C LEU A 71 16.87 -3.89 -21.04
N ILE A 72 15.90 -4.80 -21.04
CA ILE A 72 14.89 -4.73 -22.08
C ILE A 72 14.08 -3.44 -21.93
N SER A 73 13.79 -3.07 -20.69
CA SER A 73 13.09 -1.81 -20.39
C SER A 73 13.80 -0.59 -20.94
N LEU A 74 15.12 -0.56 -20.86
CA LEU A 74 15.88 0.58 -21.35
C LEU A 74 15.65 0.82 -22.85
N ILE A 75 15.68 -0.27 -23.61
CA ILE A 75 15.41 -0.25 -25.03
C ILE A 75 14.04 0.33 -25.31
N LEU A 76 13.04 -0.15 -24.58
CA LEU A 76 11.67 0.33 -24.77
C LEU A 76 11.52 1.80 -24.36
N ILE A 77 12.26 2.22 -23.35
CA ILE A 77 12.20 3.61 -22.93
C ILE A 77 12.80 4.54 -23.99
N PHE A 78 13.92 4.16 -24.59
CA PHE A 78 14.47 4.91 -25.70
C PHE A 78 13.47 4.93 -26.84
N LEU A 79 12.84 3.79 -27.10
CA LEU A 79 11.80 3.71 -28.12
C LEU A 79 10.68 4.75 -27.86
N ILE A 80 10.22 4.83 -26.61
CA ILE A 80 9.19 5.79 -26.22
C ILE A 80 9.72 7.21 -26.38
N ILE A 81 10.95 7.44 -25.90
CA ILE A 81 11.52 8.78 -25.99
C ILE A 81 11.57 9.19 -27.45
N PHE A 82 11.96 8.26 -28.31
CA PHE A 82 12.00 8.55 -29.74
C PHE A 82 10.67 9.03 -30.30
N MET A 83 9.59 8.35 -29.96
CA MET A 83 8.29 8.75 -30.48
C MET A 83 7.71 9.98 -29.79
N LYS A 84 8.06 10.20 -28.54
CA LYS A 84 7.69 11.44 -27.91
C LYS A 84 8.19 12.64 -28.71
N ILE A 85 9.44 12.56 -29.15
CA ILE A 85 10.06 13.61 -29.91
C ILE A 85 9.55 13.73 -31.34
N ARG A 86 9.28 12.61 -31.98
CA ARG A 86 8.80 12.72 -33.35
C ARG A 86 7.43 13.40 -33.36
N TYR A 87 6.60 13.08 -32.39
CA TYR A 87 5.27 13.67 -32.29
C TYR A 87 5.23 14.77 -31.22
N ASP B 6 -21.69 10.75 -4.17
CA ASP B 6 -21.38 11.07 -2.77
C ASP B 6 -21.64 9.87 -1.85
N LEU B 7 -22.89 9.40 -1.82
CA LEU B 7 -23.26 8.24 -1.01
C LEU B 7 -22.39 7.07 -1.42
N ASN B 8 -22.27 6.89 -2.74
CA ASN B 8 -21.49 5.80 -3.33
C ASN B 8 -20.07 5.73 -2.77
N ASN B 9 -19.41 6.89 -2.71
CA ASN B 9 -18.04 6.96 -2.23
C ASN B 9 -17.98 6.75 -0.75
N LEU B 10 -18.99 7.20 -0.02
CA LEU B 10 -18.99 6.93 1.41
C LEU B 10 -18.97 5.44 1.67
N ILE B 11 -19.90 4.72 1.05
CA ILE B 11 -20.02 3.29 1.30
C ILE B 11 -18.79 2.54 0.74
N GLY B 12 -18.36 2.90 -0.47
CA GLY B 12 -17.24 2.22 -1.08
C GLY B 12 -15.98 2.38 -0.26
N ILE B 13 -15.70 3.60 0.17
CA ILE B 13 -14.49 3.87 0.95
C ILE B 13 -14.56 3.12 2.28
N ILE B 14 -15.71 3.17 2.93
CA ILE B 14 -15.85 2.49 4.21
C ILE B 14 -15.74 0.98 4.03
N ALA B 15 -16.41 0.44 3.00
CA ALA B 15 -16.29 -0.96 2.68
C ALA B 15 -14.83 -1.39 2.44
N GLY B 16 -14.12 -0.63 1.62
CA GLY B 16 -12.75 -0.98 1.27
C GLY B 16 -11.82 -0.86 2.45
N ALA B 17 -12.08 0.15 3.28
CA ALA B 17 -11.31 0.37 4.48
C ALA B 17 -11.44 -0.83 5.39
N ILE B 18 -12.65 -1.35 5.50
CA ILE B 18 -12.88 -2.49 6.35
C ILE B 18 -12.28 -3.80 5.80
N THR B 19 -12.54 -4.13 4.54
CA THR B 19 -12.06 -5.41 4.02
C THR B 19 -10.55 -5.37 3.83
N THR B 20 -10.01 -4.19 3.50
CA THR B 20 -8.57 -4.12 3.33
C THR B 20 -7.84 -4.35 4.67
N SER B 21 -8.23 -3.62 5.71
CA SER B 21 -7.51 -3.73 6.99
C SER B 21 -7.83 -5.04 7.68
N ALA B 22 -8.92 -5.70 7.28
CA ALA B 22 -9.30 -6.99 7.82
C ALA B 22 -8.26 -8.05 7.58
N LEU B 23 -7.46 -7.85 6.54
CA LEU B 23 -6.39 -8.78 6.19
C LEU B 23 -5.22 -8.70 7.17
N ILE B 24 -5.07 -7.56 7.82
CA ILE B 24 -3.95 -7.34 8.73
C ILE B 24 -3.85 -8.33 9.91
N PRO B 25 -4.95 -8.58 10.65
CA PRO B 25 -4.84 -9.52 11.76
C PRO B 25 -4.32 -10.90 11.39
N GLN B 26 -4.55 -11.38 10.16
CA GLN B 26 -4.06 -12.69 9.76
C GLN B 26 -2.53 -12.68 9.67
N ALA B 27 -1.99 -11.58 9.15
CA ALA B 27 -0.55 -11.35 9.14
C ALA B 27 0.01 -11.33 10.56
N LEU B 28 -0.62 -10.54 11.41
CA LEU B 28 -0.19 -10.36 12.80
C LEU B 28 -0.21 -11.67 13.59
N LYS B 29 -1.23 -12.49 13.36
CA LYS B 29 -1.38 -13.75 14.08
C LYS B 29 -0.29 -14.75 13.72
N ILE B 30 -0.03 -14.86 12.42
CA ILE B 30 1.04 -15.74 11.95
C ILE B 30 2.36 -15.27 12.54
N TYR B 31 2.58 -13.96 12.54
CA TYR B 31 3.82 -13.44 13.05
C TYR B 31 3.92 -13.67 14.54
N LYS B 32 2.83 -13.41 15.23
CA LYS B 32 2.86 -13.45 16.68
C LYS B 32 2.97 -14.88 17.18
N THR B 33 2.33 -15.82 16.51
CA THR B 33 2.38 -17.18 16.99
C THR B 33 3.45 -18.00 16.29
N LYS B 34 4.02 -17.44 15.24
CA LYS B 34 5.00 -18.16 14.43
C LYS B 34 4.47 -19.50 13.88
N SER B 35 3.17 -19.58 13.63
CA SER B 35 2.61 -20.78 13.01
C SER B 35 1.47 -20.38 12.07
N ALA B 36 1.40 -21.09 10.94
CA ALA B 36 0.42 -20.81 9.89
C ALA B 36 -0.07 -22.11 9.24
N ARG B 37 0.02 -23.20 9.99
CA ARG B 37 -0.30 -24.52 9.47
C ARG B 37 -1.70 -24.56 8.85
N ASP B 38 -2.70 -24.06 9.58
CA ASP B 38 -4.08 -24.22 9.17
C ASP B 38 -4.49 -23.22 8.10
N VAL B 39 -3.66 -22.19 7.92
CA VAL B 39 -3.93 -21.21 6.89
C VAL B 39 -3.70 -21.85 5.52
N SER B 40 -4.61 -21.62 4.59
CA SER B 40 -4.53 -22.20 3.26
C SER B 40 -3.76 -21.29 2.30
N LEU B 41 -2.66 -21.78 1.74
CA LEU B 41 -1.88 -20.97 0.81
C LEU B 41 -2.63 -20.75 -0.50
N ALA B 42 -3.35 -21.77 -0.97
CA ALA B 42 -4.13 -21.66 -2.20
C ALA B 42 -5.13 -20.51 -2.13
N MET B 43 -5.83 -20.38 -1.01
CA MET B 43 -6.81 -19.30 -0.84
C MET B 43 -6.21 -17.94 -1.14
N PHE B 44 -5.01 -17.69 -0.61
CA PHE B 44 -4.39 -16.38 -0.77
C PHE B 44 -3.74 -16.20 -2.15
N ILE B 45 -3.22 -17.28 -2.71
CA ILE B 45 -2.71 -17.20 -4.08
C ILE B 45 -3.86 -16.80 -5.00
N PHE B 46 -4.96 -17.51 -4.92
CA PHE B 46 -6.07 -17.15 -5.78
C PHE B 46 -6.68 -15.79 -5.39
N MET B 47 -6.68 -15.40 -4.11
CA MET B 47 -7.18 -14.07 -3.80
C MET B 47 -6.30 -13.01 -4.48
N ALA B 48 -4.98 -13.21 -4.42
CA ALA B 48 -4.05 -12.26 -5.04
C ALA B 48 -4.45 -12.08 -6.51
N ILE B 49 -4.59 -13.20 -7.23
CA ILE B 49 -4.98 -13.19 -8.64
C ILE B 49 -6.32 -12.50 -8.86
N GLY B 50 -7.33 -12.89 -8.09
CA GLY B 50 -8.64 -12.26 -8.17
C GLY B 50 -8.69 -10.77 -7.86
N ILE B 51 -8.02 -10.37 -6.78
CA ILE B 51 -7.98 -8.97 -6.37
C ILE B 51 -7.23 -8.12 -7.43
N THR B 52 -6.23 -8.70 -8.07
CA THR B 52 -5.55 -8.02 -9.17
C THR B 52 -6.56 -7.77 -10.31
N LEU B 53 -7.45 -8.72 -10.56
CA LEU B 53 -8.52 -8.51 -11.53
C LEU B 53 -9.57 -7.47 -11.11
N TRP B 54 -9.90 -7.42 -9.82
CA TRP B 54 -10.85 -6.42 -9.34
C TRP B 54 -10.31 -5.03 -9.58
N PHE B 55 -8.99 -4.89 -9.38
CA PHE B 55 -8.29 -3.66 -9.68
C PHE B 55 -8.51 -3.24 -11.12
N PHE B 56 -8.29 -4.14 -12.08
CA PHE B 56 -8.54 -3.85 -13.51
C PHE B 56 -9.95 -3.37 -13.68
N TYR B 57 -10.84 -4.15 -13.09
CA TYR B 57 -12.26 -3.87 -13.11
C TYR B 57 -12.55 -2.45 -12.59
N GLY B 58 -11.99 -2.10 -11.43
CA GLY B 58 -12.22 -0.78 -10.85
C GLY B 58 -11.79 0.34 -11.77
N VAL B 59 -10.66 0.14 -12.44
CA VAL B 59 -10.14 1.11 -13.39
C VAL B 59 -11.09 1.25 -14.59
N LEU B 60 -11.58 0.12 -15.11
CA LEU B 60 -12.52 0.12 -16.23
C LEU B 60 -13.83 0.82 -15.84
N ILE B 61 -14.32 0.54 -14.65
CA ILE B 61 -15.59 1.07 -14.16
C ILE B 61 -15.40 2.50 -13.67
N LYS B 62 -14.15 2.93 -13.60
CA LYS B 62 -13.77 4.25 -13.15
C LYS B 62 -14.29 4.56 -11.75
N GLU B 63 -14.14 3.59 -10.87
CA GLU B 63 -14.55 3.70 -9.47
C GLU B 63 -13.30 3.62 -8.60
N ILE B 64 -12.86 4.76 -8.09
CA ILE B 64 -11.62 4.80 -7.33
C ILE B 64 -11.62 3.94 -6.06
N PRO B 65 -12.74 3.90 -5.29
CA PRO B 65 -12.66 3.06 -4.08
C PRO B 65 -12.40 1.58 -4.41
N VAL B 66 -12.91 1.08 -5.53
CA VAL B 66 -12.56 -0.27 -5.96
C VAL B 66 -11.07 -0.39 -6.35
N ILE B 67 -10.56 0.62 -7.05
CA ILE B 67 -9.15 0.65 -7.46
C ILE B 67 -8.22 0.62 -6.26
N LEU B 68 -8.39 1.63 -5.39
CA LEU B 68 -7.52 1.82 -4.23
C LEU B 68 -7.54 0.69 -3.21
N ALA B 69 -8.73 0.22 -2.84
CA ALA B 69 -8.84 -0.88 -1.87
C ALA B 69 -8.11 -2.14 -2.35
N ASN B 70 -8.23 -2.45 -3.63
CA ASN B 70 -7.64 -3.70 -4.10
C ASN B 70 -6.12 -3.57 -4.27
N LEU B 71 -5.67 -2.41 -4.71
CA LEU B 71 -4.23 -2.17 -4.80
C LEU B 71 -3.59 -2.39 -3.41
N ILE B 72 -4.15 -1.76 -2.37
CA ILE B 72 -3.55 -1.91 -1.05
C ILE B 72 -3.67 -3.34 -0.51
N SER B 73 -4.82 -3.96 -0.71
CA SER B 73 -5.05 -5.34 -0.31
C SER B 73 -4.02 -6.28 -0.91
N LEU B 74 -3.68 -6.02 -2.16
CA LEU B 74 -2.75 -6.89 -2.88
C LEU B 74 -1.41 -6.94 -2.15
N ILE B 75 -0.95 -5.78 -1.69
CA ILE B 75 0.24 -5.67 -0.86
C ILE B 75 0.10 -6.46 0.44
N LEU B 76 -1.04 -6.35 1.12
CA LEU B 76 -1.23 -7.07 2.39
C LEU B 76 -1.28 -8.58 2.16
N ILE B 77 -1.83 -8.98 1.02
CA ILE B 77 -1.90 -10.38 0.69
C ILE B 77 -0.52 -10.97 0.44
N PHE B 78 0.34 -10.26 -0.28
CA PHE B 78 1.70 -10.73 -0.41
C PHE B 78 2.37 -10.81 0.95
N LEU B 79 2.11 -9.84 1.82
CA LEU B 79 2.65 -9.95 3.17
C LEU B 79 2.23 -11.24 3.81
N ILE B 80 0.96 -11.57 3.70
CA ILE B 80 0.46 -12.80 4.28
C ILE B 80 1.11 -14.03 3.66
N ILE B 81 1.22 -14.07 2.33
CA ILE B 81 1.84 -15.22 1.66
C ILE B 81 3.27 -15.38 2.16
N PHE B 82 3.97 -14.25 2.28
CA PHE B 82 5.31 -14.26 2.85
C PHE B 82 5.35 -14.85 4.25
N MET B 83 4.39 -14.45 5.07
CA MET B 83 4.37 -14.92 6.43
C MET B 83 3.96 -16.39 6.48
N LYS B 84 3.09 -16.80 5.57
CA LYS B 84 2.74 -18.21 5.48
C LYS B 84 3.90 -19.16 5.16
N ILE B 85 4.67 -18.82 4.14
CA ILE B 85 5.78 -19.66 3.74
C ILE B 85 6.91 -19.60 4.77
N ARG B 86 7.10 -18.43 5.37
CA ARG B 86 8.14 -18.31 6.37
C ARG B 86 7.88 -19.19 7.58
N TYR B 87 6.65 -19.21 8.06
CA TYR B 87 6.31 -20.02 9.22
C TYR B 87 5.52 -21.26 8.81
N ASP C 6 27.79 0.10 2.53
CA ASP C 6 27.33 -0.99 1.66
C ASP C 6 27.13 -0.50 0.23
N LEU C 7 28.03 -0.91 -0.64
CA LEU C 7 27.99 -0.55 -2.06
C LEU C 7 26.68 -0.88 -2.73
N ASN C 8 26.24 -2.11 -2.56
CA ASN C 8 25.01 -2.57 -3.18
C ASN C 8 23.79 -1.73 -2.81
N ASN C 9 23.58 -1.49 -1.53
CA ASN C 9 22.38 -0.77 -1.11
C ASN C 9 22.44 0.69 -1.52
N LEU C 10 23.63 1.27 -1.50
CA LEU C 10 23.77 2.64 -1.94
C LEU C 10 23.28 2.78 -3.37
N ILE C 11 23.76 1.89 -4.25
CA ILE C 11 23.37 1.93 -5.65
C ILE C 11 21.86 1.68 -5.74
N GLY C 12 21.39 0.72 -4.96
CA GLY C 12 19.98 0.36 -4.96
C GLY C 12 19.12 1.53 -4.55
N ILE C 13 19.49 2.21 -3.47
CA ILE C 13 18.69 3.33 -2.97
C ILE C 13 18.67 4.40 -4.04
N ILE C 14 19.83 4.64 -4.64
CA ILE C 14 19.94 5.67 -5.66
C ILE C 14 19.14 5.33 -6.92
N ALA C 15 19.22 4.10 -7.39
CA ALA C 15 18.37 3.70 -8.51
C ALA C 15 16.88 3.94 -8.19
N GLY C 16 16.47 3.50 -7.01
CA GLY C 16 15.11 3.62 -6.55
C GLY C 16 14.64 5.03 -6.28
N ALA C 17 15.54 5.86 -5.75
CA ALA C 17 15.21 7.26 -5.56
C ALA C 17 14.88 7.88 -6.90
N ILE C 18 15.68 7.54 -7.91
CA ILE C 18 15.50 8.09 -9.25
C ILE C 18 14.26 7.55 -9.98
N THR C 19 14.03 6.24 -9.97
CA THR C 19 12.89 5.71 -10.72
C THR C 19 11.56 6.10 -10.09
N THR C 20 11.52 6.15 -8.77
CA THR C 20 10.30 6.58 -8.08
C THR C 20 10.02 8.07 -8.38
N SER C 21 11.05 8.90 -8.27
CA SER C 21 10.87 10.34 -8.42
C SER C 21 10.60 10.69 -9.86
N ALA C 22 10.92 9.77 -10.78
CA ALA C 22 10.68 10.00 -12.20
C ALA C 22 9.20 10.19 -12.49
N LEU C 23 8.36 9.59 -11.64
CA LEU C 23 6.90 9.66 -11.76
C LEU C 23 6.34 11.00 -11.39
N ILE C 24 7.08 11.74 -10.56
CA ILE C 24 6.62 13.04 -10.11
C ILE C 24 6.37 14.01 -11.29
N PRO C 25 7.34 14.18 -12.23
CA PRO C 25 7.04 15.07 -13.36
C PRO C 25 5.82 14.73 -14.20
N GLN C 26 5.50 13.43 -14.33
CA GLN C 26 4.34 13.04 -15.12
C GLN C 26 3.08 13.43 -14.34
N ALA C 27 3.12 13.19 -13.04
CA ALA C 27 2.01 13.60 -12.18
C ALA C 27 1.77 15.11 -12.22
N LEU C 28 2.84 15.89 -12.01
CA LEU C 28 2.73 17.34 -11.99
C LEU C 28 2.19 17.90 -13.31
N LYS C 29 2.61 17.30 -14.42
CA LYS C 29 2.22 17.78 -15.73
C LYS C 29 0.73 17.59 -15.97
N ILE C 30 0.23 16.42 -15.61
CA ILE C 30 -1.19 16.15 -15.74
C ILE C 30 -1.98 17.12 -14.88
N TYR C 31 -1.49 17.35 -13.66
CA TYR C 31 -2.13 18.25 -12.71
C TYR C 31 -2.13 19.70 -13.16
N LYS C 32 -1.01 20.14 -13.71
CA LYS C 32 -0.88 21.53 -14.08
C LYS C 32 -1.74 21.81 -15.31
N THR C 33 -1.81 20.86 -16.24
CA THR C 33 -2.57 21.07 -17.46
C THR C 33 -3.98 20.47 -17.41
N LYS C 34 -4.25 19.67 -16.39
CA LYS C 34 -5.57 19.05 -16.25
C LYS C 34 -5.97 18.20 -17.46
N SER C 35 -4.99 17.63 -18.15
CA SER C 35 -5.27 16.79 -19.30
C SER C 35 -4.29 15.62 -19.37
N ALA C 36 -4.78 14.45 -19.75
CA ALA C 36 -3.91 13.29 -19.83
C ALA C 36 -4.33 12.42 -21.01
N ARG C 37 -4.91 13.04 -22.02
CA ARG C 37 -5.41 12.32 -23.17
C ARG C 37 -4.35 11.41 -23.76
N ASP C 38 -3.14 11.93 -23.92
CA ASP C 38 -2.07 11.21 -24.61
C ASP C 38 -1.36 10.19 -23.73
N VAL C 39 -1.55 10.28 -22.42
CA VAL C 39 -0.93 9.38 -21.46
C VAL C 39 -1.59 7.99 -21.53
N SER C 40 -0.80 6.93 -21.46
CA SER C 40 -1.40 5.59 -21.60
C SER C 40 -1.85 5.00 -20.29
N LEU C 41 -3.14 4.75 -20.17
CA LEU C 41 -3.68 4.18 -18.96
C LEU C 41 -3.25 2.73 -18.81
N ALA C 42 -3.20 2.01 -19.92
CA ALA C 42 -2.81 0.60 -19.88
C ALA C 42 -1.45 0.44 -19.25
N MET C 43 -0.51 1.28 -19.69
CA MET C 43 0.84 1.26 -19.17
C MET C 43 0.86 1.36 -17.65
N PHE C 44 0.09 2.29 -17.10
CA PHE C 44 0.15 2.49 -15.66
C PHE C 44 -0.65 1.42 -14.92
N ILE C 45 -1.72 0.92 -15.53
CA ILE C 45 -2.47 -0.16 -14.93
C ILE C 45 -1.57 -1.36 -14.69
N PHE C 46 -0.92 -1.81 -15.75
CA PHE C 46 -0.06 -2.96 -15.67
C PHE C 46 1.24 -2.67 -14.92
N MET C 47 1.73 -1.43 -14.98
CA MET C 47 2.90 -1.06 -14.21
C MET C 47 2.61 -1.32 -12.72
N ALA C 48 1.44 -0.88 -12.27
CA ALA C 48 1.04 -1.02 -10.87
C ALA C 48 1.09 -2.47 -10.40
N ILE C 49 0.46 -3.39 -11.15
CA ILE C 49 0.51 -4.80 -10.76
C ILE C 49 1.92 -5.35 -10.76
N GLY C 50 2.69 -5.06 -11.81
CA GLY C 50 4.06 -5.53 -11.91
C GLY C 50 4.86 -5.04 -10.73
N ILE C 51 4.69 -3.77 -10.41
CA ILE C 51 5.37 -3.13 -9.29
C ILE C 51 4.99 -3.75 -7.95
N THR C 52 3.73 -4.14 -7.82
CA THR C 52 3.31 -4.89 -6.62
C THR C 52 4.04 -6.24 -6.54
N LEU C 53 4.21 -6.91 -7.67
CA LEU C 53 5.01 -8.13 -7.70
C LEU C 53 6.50 -7.89 -7.44
N TRP C 54 7.05 -6.78 -7.95
CA TRP C 54 8.42 -6.42 -7.63
C TRP C 54 8.58 -6.22 -6.12
N PHE C 55 7.57 -5.65 -5.48
CA PHE C 55 7.56 -5.54 -4.04
C PHE C 55 7.71 -6.89 -3.35
N PHE C 56 6.87 -7.85 -3.72
CA PHE C 56 6.89 -9.21 -3.17
C PHE C 56 8.26 -9.82 -3.34
N TYR C 57 8.77 -9.72 -4.56
CA TYR C 57 10.11 -10.15 -4.91
C TYR C 57 11.18 -9.56 -3.98
N GLY C 58 11.10 -8.26 -3.73
CA GLY C 58 12.05 -7.61 -2.84
C GLY C 58 12.00 -8.21 -1.43
N VAL C 59 10.79 -8.53 -1.00
CA VAL C 59 10.61 -9.12 0.31
C VAL C 59 11.22 -10.51 0.39
N LEU C 60 11.02 -11.33 -0.65
CA LEU C 60 11.58 -12.69 -0.65
C LEU C 60 13.12 -12.70 -0.63
N ILE C 61 13.75 -11.87 -1.45
CA ILE C 61 15.22 -11.80 -1.52
C ILE C 61 15.77 -10.88 -0.42
N LYS C 62 14.87 -10.34 0.39
CA LYS C 62 15.24 -9.47 1.50
C LYS C 62 16.02 -8.23 1.12
N GLU C 63 15.58 -7.51 0.09
CA GLU C 63 16.30 -6.31 -0.33
C GLU C 63 15.51 -5.02 -0.16
N ILE C 64 15.89 -4.22 0.83
CA ILE C 64 15.24 -2.97 1.17
C ILE C 64 15.07 -1.96 0.01
N PRO C 65 16.09 -1.80 -0.85
CA PRO C 65 15.83 -0.82 -1.91
C PRO C 65 14.70 -1.24 -2.89
N VAL C 66 14.60 -2.53 -3.18
CA VAL C 66 13.51 -3.04 -4.03
C VAL C 66 12.16 -2.83 -3.35
N ILE C 67 12.12 -3.13 -2.06
CA ILE C 67 10.90 -2.94 -1.29
C ILE C 67 10.43 -1.48 -1.31
N LEU C 68 11.31 -0.56 -0.91
CA LEU C 68 10.95 0.83 -0.76
C LEU C 68 10.53 1.49 -2.08
N ALA C 69 11.35 1.30 -3.11
CA ALA C 69 11.08 1.95 -4.38
C ALA C 69 9.71 1.53 -4.92
N ASN C 70 9.36 0.27 -4.71
CA ASN C 70 8.13 -0.19 -5.31
C ASN C 70 6.88 0.24 -4.56
N LEU C 71 6.93 0.24 -3.24
CA LEU C 71 5.81 0.74 -2.46
C LEU C 71 5.52 2.20 -2.82
N ILE C 72 6.57 3.01 -2.82
CA ILE C 72 6.40 4.42 -3.08
C ILE C 72 6.02 4.70 -4.54
N SER C 73 6.60 3.98 -5.51
CA SER C 73 6.17 4.17 -6.91
C SER C 73 4.67 3.87 -7.05
N LEU C 74 4.21 2.84 -6.34
CA LEU C 74 2.81 2.44 -6.36
C LEU C 74 1.88 3.57 -5.91
N ILE C 75 2.26 4.30 -4.87
CA ILE C 75 1.52 5.47 -4.44
C ILE C 75 1.48 6.51 -5.53
N LEU C 76 2.64 6.79 -6.10
CA LEU C 76 2.73 7.82 -7.13
C LEU C 76 1.98 7.41 -8.41
N ILE C 77 2.07 6.13 -8.74
CA ILE C 77 1.38 5.62 -9.93
C ILE C 77 -0.11 5.71 -9.75
N PHE C 78 -0.57 5.38 -8.55
CA PHE C 78 -1.98 5.54 -8.26
C PHE C 78 -2.43 7.00 -8.44
N LEU C 79 -1.63 7.97 -8.04
CA LEU C 79 -2.04 9.35 -8.30
C LEU C 79 -2.32 9.58 -9.75
N ILE C 80 -1.39 9.09 -10.58
CA ILE C 80 -1.48 9.27 -12.02
C ILE C 80 -2.71 8.61 -12.57
N ILE C 81 -3.00 7.39 -12.13
CA ILE C 81 -4.21 6.69 -12.56
C ILE C 81 -5.47 7.50 -12.19
N PHE C 82 -5.48 8.02 -10.96
CA PHE C 82 -6.60 8.82 -10.44
C PHE C 82 -6.82 10.10 -11.28
N MET C 83 -5.74 10.78 -11.68
CA MET C 83 -5.86 11.98 -12.50
C MET C 83 -6.20 11.69 -13.97
N LYS C 84 -5.73 10.54 -14.47
CA LYS C 84 -6.15 10.08 -15.79
C LYS C 84 -7.67 9.90 -15.82
N ILE C 85 -8.23 9.28 -14.79
CA ILE C 85 -9.67 9.10 -14.69
C ILE C 85 -10.42 10.41 -14.41
N ARG C 86 -9.87 11.25 -13.54
CA ARG C 86 -10.48 12.53 -13.20
C ARG C 86 -10.55 13.52 -14.35
N TYR C 87 -9.50 13.59 -15.18
CA TYR C 87 -9.46 14.58 -16.25
C TYR C 87 -9.92 14.03 -17.57
N GLY C 88 -10.23 12.74 -17.61
CA GLY C 88 -10.85 12.15 -18.77
C GLY C 88 -12.25 12.72 -18.96
N ASP D 6 -19.13 -5.34 -23.18
CA ASP D 6 -19.36 -6.46 -22.27
C ASP D 6 -18.09 -6.69 -21.50
N LEU D 7 -17.04 -5.99 -21.89
CA LEU D 7 -15.74 -6.13 -21.27
C LEU D 7 -15.76 -5.94 -19.78
N ASN D 8 -16.38 -4.85 -19.32
CA ASN D 8 -16.41 -4.54 -17.90
C ASN D 8 -16.97 -5.65 -17.04
N ASN D 9 -18.12 -6.15 -17.43
CA ASN D 9 -18.81 -7.16 -16.65
C ASN D 9 -18.10 -8.50 -16.71
N LEU D 10 -17.49 -8.79 -17.86
CA LEU D 10 -16.68 -9.99 -18.04
C LEU D 10 -15.55 -10.02 -17.03
N ILE D 11 -14.78 -8.94 -16.97
CA ILE D 11 -13.66 -8.90 -16.05
C ILE D 11 -14.17 -9.02 -14.62
N GLY D 12 -15.24 -8.29 -14.33
CA GLY D 12 -15.85 -8.24 -13.01
C GLY D 12 -16.35 -9.60 -12.58
N ILE D 13 -17.01 -10.31 -13.51
CA ILE D 13 -17.51 -11.63 -13.20
C ILE D 13 -16.33 -12.57 -12.94
N ILE D 14 -15.28 -12.45 -13.76
CA ILE D 14 -14.08 -13.28 -13.61
C ILE D 14 -13.38 -12.97 -12.29
N ALA D 15 -13.25 -11.68 -11.98
CA ALA D 15 -12.68 -11.25 -10.70
C ALA D 15 -13.44 -11.86 -9.51
N GLY D 16 -14.77 -11.77 -9.56
CA GLY D 16 -15.63 -12.26 -8.49
C GLY D 16 -15.70 -13.77 -8.34
N ALA D 17 -15.67 -14.49 -9.45
CA ALA D 17 -15.63 -15.92 -9.36
C ALA D 17 -14.33 -16.35 -8.68
N ILE D 18 -13.23 -15.67 -9.00
CA ILE D 18 -11.93 -16.06 -8.45
C ILE D 18 -11.83 -15.74 -6.96
N THR D 19 -12.20 -14.52 -6.54
CA THR D 19 -12.05 -14.19 -5.12
C THR D 19 -13.05 -14.95 -4.26
N THR D 20 -14.25 -15.18 -4.78
CA THR D 20 -15.24 -15.95 -4.03
C THR D 20 -14.79 -17.38 -3.86
N SER D 21 -14.36 -17.99 -4.96
CA SER D 21 -13.99 -19.40 -4.94
C SER D 21 -12.67 -19.58 -4.20
N ALA D 22 -11.90 -18.49 -4.04
CA ALA D 22 -10.65 -18.55 -3.29
C ALA D 22 -10.89 -18.98 -1.85
N LEU D 23 -12.09 -18.70 -1.34
CA LEU D 23 -12.46 -19.06 0.02
C LEU D 23 -12.65 -20.56 0.19
N ILE D 24 -12.92 -21.24 -0.92
CA ILE D 24 -13.18 -22.67 -0.86
C ILE D 24 -12.01 -23.52 -0.28
N PRO D 25 -10.78 -23.35 -0.79
CA PRO D 25 -9.69 -24.18 -0.24
C PRO D 25 -9.52 -24.02 1.25
N GLN D 26 -9.82 -22.82 1.74
CA GLN D 26 -9.68 -22.56 3.16
C GLN D 26 -10.73 -23.33 3.93
N ALA D 27 -11.95 -23.34 3.43
CA ALA D 27 -13.02 -24.14 4.05
C ALA D 27 -12.70 -25.64 4.07
N LEU D 28 -12.33 -26.16 2.91
CA LEU D 28 -12.03 -27.58 2.75
C LEU D 28 -10.88 -28.04 3.65
N LYS D 29 -9.86 -27.20 3.79
CA LYS D 29 -8.68 -27.55 4.57
C LYS D 29 -9.10 -27.70 6.01
N ILE D 30 -9.87 -26.73 6.49
CA ILE D 30 -10.40 -26.75 7.85
C ILE D 30 -11.27 -27.97 8.04
N TYR D 31 -12.09 -28.26 7.04
CA TYR D 31 -13.01 -29.39 7.10
C TYR D 31 -12.28 -30.71 7.15
N LYS D 32 -11.26 -30.85 6.33
CA LYS D 32 -10.53 -32.10 6.23
C LYS D 32 -9.68 -32.32 7.47
N THR D 33 -9.15 -31.23 7.99
CA THR D 33 -8.26 -31.35 9.12
C THR D 33 -8.92 -31.14 10.48
N LYS D 34 -10.16 -30.66 10.52
CA LYS D 34 -10.83 -30.41 11.79
C LYS D 34 -9.99 -29.50 12.67
N SER D 35 -9.25 -28.62 12.02
CA SER D 35 -8.35 -27.71 12.71
C SER D 35 -8.33 -26.34 12.06
N ALA D 36 -8.36 -25.29 12.88
CA ALA D 36 -8.35 -23.91 12.40
C ALA D 36 -7.64 -22.96 13.37
N ARG D 37 -6.69 -23.49 14.12
CA ARG D 37 -6.00 -22.74 15.15
C ARG D 37 -5.34 -21.50 14.64
N ASP D 38 -4.63 -21.63 13.52
CA ASP D 38 -3.79 -20.57 12.96
C ASP D 38 -4.61 -19.58 12.17
N VAL D 39 -5.84 -19.97 11.83
CA VAL D 39 -6.74 -19.11 11.08
C VAL D 39 -7.21 -18.01 12.00
N SER D 40 -7.22 -16.79 11.50
CA SER D 40 -7.60 -15.63 12.30
C SER D 40 -9.08 -15.36 12.25
N LEU D 41 -9.75 -15.41 13.39
CA LEU D 41 -11.18 -15.16 13.39
C LEU D 41 -11.44 -13.67 13.12
N ALA D 42 -10.58 -12.82 13.66
CA ALA D 42 -10.73 -11.39 13.48
C ALA D 42 -10.81 -11.05 12.01
N MET D 43 -9.89 -11.61 11.22
CA MET D 43 -9.90 -11.36 9.78
C MET D 43 -11.25 -11.66 9.14
N PHE D 44 -11.84 -12.80 9.44
CA PHE D 44 -13.07 -13.16 8.75
C PHE D 44 -14.29 -12.41 9.26
N ILE D 45 -14.28 -12.08 10.53
CA ILE D 45 -15.33 -11.26 11.11
C ILE D 45 -15.45 -9.93 10.40
N PHE D 46 -14.34 -9.22 10.32
CA PHE D 46 -14.36 -7.92 9.71
C PHE D 46 -14.54 -8.04 8.20
N MET D 47 -14.05 -9.13 7.63
CA MET D 47 -14.24 -9.36 6.20
C MET D 47 -15.73 -9.37 5.88
N ALA D 48 -16.50 -10.10 6.69
CA ALA D 48 -17.95 -10.26 6.51
C ALA D 48 -18.65 -8.92 6.50
N ILE D 49 -18.39 -8.10 7.52
CA ILE D 49 -19.02 -6.81 7.59
C ILE D 49 -18.66 -5.92 6.41
N GLY D 50 -17.38 -5.88 6.05
CA GLY D 50 -16.93 -5.11 4.91
C GLY D 50 -17.60 -5.58 3.63
N ILE D 51 -17.69 -6.89 3.48
CA ILE D 51 -18.33 -7.52 2.33
C ILE D 51 -19.81 -7.19 2.28
N THR D 52 -20.48 -7.04 3.43
CA THR D 52 -21.85 -6.59 3.41
C THR D 52 -21.92 -5.13 2.87
N LEU D 53 -20.96 -4.31 3.25
CA LEU D 53 -20.87 -2.96 2.72
C LEU D 53 -20.53 -2.91 1.24
N TRP D 54 -19.64 -3.80 0.77
CA TRP D 54 -19.34 -3.90 -0.66
C TRP D 54 -20.63 -4.29 -1.40
N PHE D 55 -21.43 -5.17 -0.79
CA PHE D 55 -22.72 -5.52 -1.37
C PHE D 55 -23.62 -4.31 -1.60
N PHE D 56 -23.80 -3.52 -0.55
CA PHE D 56 -24.59 -2.30 -0.60
C PHE D 56 -24.04 -1.38 -1.67
N TYR D 57 -22.73 -1.20 -1.65
CA TYR D 57 -22.03 -0.42 -2.65
C TYR D 57 -22.38 -0.88 -4.05
N GLY D 58 -22.36 -2.19 -4.24
CA GLY D 58 -22.70 -2.78 -5.52
C GLY D 58 -24.13 -2.45 -5.94
N VAL D 59 -25.04 -2.44 -4.96
CA VAL D 59 -26.41 -2.07 -5.23
C VAL D 59 -26.53 -0.61 -5.63
N LEU D 60 -25.84 0.25 -4.91
CA LEU D 60 -25.83 1.67 -5.20
C LEU D 60 -25.27 1.94 -6.62
N ILE D 61 -24.20 1.24 -6.97
CA ILE D 61 -23.47 1.41 -8.22
C ILE D 61 -24.15 0.65 -9.39
N LYS D 62 -25.22 -0.08 -9.08
CA LYS D 62 -25.96 -0.87 -10.08
C LYS D 62 -25.04 -1.83 -10.82
N GLU D 63 -24.16 -2.49 -10.08
CA GLU D 63 -23.18 -3.41 -10.66
C GLU D 63 -23.36 -4.84 -10.21
N ILE D 64 -23.89 -5.69 -11.09
CA ILE D 64 -24.12 -7.09 -10.74
C ILE D 64 -22.88 -7.88 -10.26
N PRO D 65 -21.72 -7.71 -10.91
CA PRO D 65 -20.61 -8.51 -10.37
C PRO D 65 -20.23 -8.18 -8.93
N VAL D 66 -20.30 -6.92 -8.51
CA VAL D 66 -20.02 -6.59 -7.10
C VAL D 66 -21.05 -7.23 -6.18
N ILE D 67 -22.30 -7.14 -6.61
CA ILE D 67 -23.42 -7.71 -5.88
C ILE D 67 -23.31 -9.22 -5.70
N LEU D 68 -23.20 -9.94 -6.80
CA LEU D 68 -23.14 -11.40 -6.75
C LEU D 68 -21.90 -11.92 -6.00
N ALA D 69 -20.74 -11.39 -6.32
CA ALA D 69 -19.51 -11.87 -5.69
C ALA D 69 -19.58 -11.73 -4.19
N ASN D 70 -20.15 -10.64 -3.70
CA ASN D 70 -20.17 -10.41 -2.27
C ASN D 70 -21.27 -11.18 -1.51
N LEU D 71 -22.45 -11.28 -2.11
CA LEU D 71 -23.47 -12.09 -1.48
C LEU D 71 -22.94 -13.51 -1.30
N ILE D 72 -22.39 -14.09 -2.37
CA ILE D 72 -21.89 -15.47 -2.29
C ILE D 72 -20.65 -15.60 -1.39
N SER D 73 -19.74 -14.63 -1.43
CA SER D 73 -18.59 -14.61 -0.53
C SER D 73 -19.01 -14.64 0.93
N LEU D 74 -20.06 -13.86 1.21
CA LEU D 74 -20.58 -13.79 2.57
C LEU D 74 -20.96 -15.18 3.07
N ILE D 75 -21.60 -15.97 2.21
CA ILE D 75 -21.97 -17.33 2.55
C ILE D 75 -20.79 -18.24 2.90
N LEU D 76 -19.75 -18.21 2.08
CA LEU D 76 -18.61 -19.10 2.28
C LEU D 76 -17.84 -18.70 3.53
N ILE D 77 -17.75 -17.39 3.77
CA ILE D 77 -17.07 -16.86 4.95
C ILE D 77 -17.76 -17.27 6.25
N PHE D 78 -19.09 -17.27 6.23
CA PHE D 78 -19.85 -17.79 7.36
C PHE D 78 -19.48 -19.27 7.62
N LEU D 79 -19.33 -20.04 6.55
CA LEU D 79 -18.95 -21.45 6.68
C LEU D 79 -17.65 -21.52 7.48
N ILE D 80 -16.73 -20.64 7.12
CA ILE D 80 -15.42 -20.57 7.76
C ILE D 80 -15.54 -20.18 9.23
N ILE D 81 -16.31 -19.12 9.52
CA ILE D 81 -16.53 -18.65 10.88
C ILE D 81 -17.18 -19.75 11.72
N PHE D 82 -18.16 -20.41 11.13
CA PHE D 82 -18.85 -21.51 11.79
C PHE D 82 -17.88 -22.66 12.12
N MET D 83 -16.99 -23.00 11.20
CA MET D 83 -16.03 -24.08 11.42
C MET D 83 -14.91 -23.73 12.39
N LYS D 84 -14.49 -22.46 12.39
CA LYS D 84 -13.50 -21.96 13.36
C LYS D 84 -13.98 -22.12 14.80
N ILE D 85 -15.24 -21.76 15.05
CA ILE D 85 -15.86 -21.89 16.37
C ILE D 85 -16.12 -23.34 16.75
N ARG D 86 -16.58 -24.13 15.78
CA ARG D 86 -16.85 -25.55 16.00
C ARG D 86 -15.62 -26.39 16.37
N TYR D 87 -14.50 -26.15 15.68
CA TYR D 87 -13.31 -26.96 15.88
C TYR D 87 -12.35 -26.33 16.88
N GLY D 88 -12.69 -25.13 17.36
CA GLY D 88 -11.90 -24.54 18.42
C GLY D 88 -11.97 -25.38 19.68
N ASP E 6 4.95 32.18 3.88
CA ASP E 6 3.62 31.86 4.37
C ASP E 6 3.70 31.17 5.73
N LEU E 7 3.02 31.75 6.71
CA LEU E 7 2.98 31.24 8.07
C LEU E 7 2.49 29.80 8.14
N ASN E 8 1.36 29.54 7.49
CA ASN E 8 0.76 28.22 7.49
C ASN E 8 1.69 27.12 6.98
N ASN E 9 2.36 27.34 5.86
CA ASN E 9 3.28 26.32 5.35
C ASN E 9 4.53 26.19 6.24
N LEU E 10 4.95 27.29 6.84
CA LEU E 10 6.06 27.21 7.77
C LEU E 10 5.74 26.22 8.92
N ILE E 11 4.56 26.35 9.55
CA ILE E 11 4.18 25.44 10.64
C ILE E 11 4.01 24.03 10.15
N GLY E 12 3.40 23.88 8.99
CA GLY E 12 3.17 22.57 8.45
C GLY E 12 4.51 21.87 8.25
N ILE E 13 5.47 22.58 7.68
CA ILE E 13 6.77 21.99 7.37
C ILE E 13 7.52 21.61 8.64
N ILE E 14 7.48 22.50 9.62
CA ILE E 14 8.17 22.25 10.87
C ILE E 14 7.51 21.09 11.58
N ALA E 15 6.17 21.12 11.66
CA ALA E 15 5.41 20.01 12.22
C ALA E 15 5.79 18.70 11.50
N GLY E 16 5.84 18.75 10.18
CA GLY E 16 6.19 17.59 9.38
C GLY E 16 7.65 17.14 9.50
N ALA E 17 8.57 18.09 9.59
CA ALA E 17 9.99 17.80 9.82
C ALA E 17 10.23 17.11 11.16
N ILE E 18 9.54 17.57 12.21
CA ILE E 18 9.65 16.97 13.52
C ILE E 18 9.00 15.58 13.54
N THR E 19 7.83 15.48 12.93
CA THR E 19 7.06 14.23 12.94
C THR E 19 7.71 13.10 12.12
N THR E 20 8.29 13.45 10.98
CA THR E 20 9.01 12.48 10.16
C THR E 20 10.33 12.04 10.82
N SER E 21 11.08 13.00 11.36
CA SER E 21 12.38 12.72 11.95
C SER E 21 12.25 11.93 13.25
N ALA E 22 11.09 12.01 13.87
CA ALA E 22 10.86 11.26 15.09
C ALA E 22 10.97 9.76 14.85
N LEU E 23 10.69 9.34 13.63
CA LEU E 23 10.75 7.93 13.26
C LEU E 23 12.17 7.44 13.24
N ILE E 24 13.08 8.36 13.00
CA ILE E 24 14.48 7.99 12.92
C ILE E 24 15.03 7.34 14.21
N PRO E 25 14.82 7.93 15.41
CA PRO E 25 15.36 7.27 16.60
C PRO E 25 14.82 5.85 16.83
N GLN E 26 13.57 5.60 16.44
CA GLN E 26 13.00 4.27 16.60
C GLN E 26 13.67 3.30 15.63
N ALA E 27 13.89 3.75 14.37
CA ALA E 27 14.61 2.96 13.38
C ALA E 27 16.08 2.65 13.78
N LEU E 28 16.85 3.68 14.14
CA LEU E 28 18.22 3.48 14.56
C LEU E 28 18.31 2.59 15.81
N LYS E 29 17.36 2.71 16.72
CA LYS E 29 17.43 1.97 17.97
C LYS E 29 17.32 0.46 17.75
N ILE E 30 16.34 0.08 16.92
CA ILE E 30 16.15 -1.33 16.57
C ILE E 30 17.38 -1.85 15.83
N TYR E 31 17.93 -1.02 14.94
CA TYR E 31 19.09 -1.43 14.14
C TYR E 31 20.35 -1.61 14.95
N LYS E 32 20.59 -0.71 15.91
CA LYS E 32 21.81 -0.80 16.71
C LYS E 32 21.68 -1.97 17.69
N THR E 33 20.49 -2.17 18.22
CA THR E 33 20.29 -3.22 19.21
C THR E 33 19.76 -4.55 18.66
N LYS E 34 19.33 -4.58 17.40
CA LYS E 34 18.77 -5.80 16.80
C LYS E 34 17.62 -6.35 17.64
N SER E 35 16.88 -5.45 18.27
CA SER E 35 15.82 -5.90 19.15
C SER E 35 14.58 -5.05 18.95
N ALA E 36 13.44 -5.73 18.87
CA ALA E 36 12.21 -5.02 18.65
C ALA E 36 10.99 -5.69 19.26
N ARG E 37 11.17 -6.48 20.31
CA ARG E 37 10.06 -7.25 20.89
C ARG E 37 8.94 -6.32 21.34
N ASP E 38 9.30 -5.24 22.02
CA ASP E 38 8.32 -4.40 22.67
C ASP E 38 7.63 -3.49 21.67
N VAL E 39 8.24 -3.35 20.51
CA VAL E 39 7.68 -2.54 19.43
C VAL E 39 6.49 -3.28 18.83
N SER E 40 5.39 -2.58 18.58
CA SER E 40 4.18 -3.18 18.06
C SER E 40 4.12 -3.21 16.54
N LEU E 41 4.00 -4.42 15.98
CA LEU E 41 3.89 -4.56 14.54
C LEU E 41 2.57 -3.97 14.07
N ALA E 42 1.51 -4.19 14.86
CA ALA E 42 0.17 -3.68 14.56
C ALA E 42 0.22 -2.17 14.42
N MET E 43 0.90 -1.52 15.35
CA MET E 43 1.00 -0.09 15.28
C MET E 43 1.56 0.35 13.95
N PHE E 44 2.66 -0.27 13.52
CA PHE E 44 3.33 0.23 12.33
C PHE E 44 2.70 -0.20 10.99
N ILE E 45 2.12 -1.39 10.92
CA ILE E 45 1.37 -1.75 9.72
C ILE E 45 0.20 -0.78 9.48
N PHE E 46 -0.62 -0.57 10.51
CA PHE E 46 -1.75 0.35 10.38
C PHE E 46 -1.26 1.76 10.17
N MET E 47 -0.11 2.08 10.77
CA MET E 47 0.44 3.40 10.58
C MET E 47 0.69 3.63 9.09
N ALA E 48 1.35 2.67 8.42
CA ALA E 48 1.67 2.79 7.00
C ALA E 48 0.39 3.06 6.18
N ILE E 49 -0.65 2.26 6.40
CA ILE E 49 -1.92 2.51 5.72
C ILE E 49 -2.50 3.89 6.03
N GLY E 50 -2.59 4.25 7.30
CA GLY E 50 -3.14 5.55 7.63
C GLY E 50 -2.36 6.70 7.00
N ILE E 51 -1.05 6.62 7.10
CA ILE E 51 -0.18 7.65 6.55
C ILE E 51 -0.31 7.72 5.01
N THR E 52 -0.50 6.57 4.38
CA THR E 52 -0.74 6.53 2.95
C THR E 52 -2.04 7.30 2.64
N LEU E 53 -3.05 7.11 3.48
CA LEU E 53 -4.30 7.84 3.32
C LEU E 53 -4.14 9.36 3.55
N TRP E 54 -3.33 9.73 4.55
CA TRP E 54 -3.04 11.14 4.79
C TRP E 54 -2.32 11.79 3.59
N PHE E 55 -1.45 11.04 2.92
CA PHE E 55 -0.76 11.55 1.73
C PHE E 55 -1.77 12.00 0.66
N PHE E 56 -2.67 11.07 0.33
CA PHE E 56 -3.75 11.29 -0.62
C PHE E 56 -4.59 12.48 -0.23
N TYR E 57 -4.96 12.53 1.04
CA TYR E 57 -5.69 13.66 1.58
C TYR E 57 -4.95 14.97 1.31
N GLY E 58 -3.63 14.93 1.51
CA GLY E 58 -2.80 16.11 1.30
C GLY E 58 -2.93 16.60 -0.13
N VAL E 59 -2.98 15.65 -1.05
CA VAL E 59 -3.07 15.99 -2.46
C VAL E 59 -4.43 16.61 -2.74
N LEU E 60 -5.48 16.02 -2.19
CA LEU E 60 -6.82 16.53 -2.38
C LEU E 60 -6.97 17.95 -1.86
N ILE E 61 -6.45 18.19 -0.66
CA ILE E 61 -6.52 19.49 -0.01
C ILE E 61 -5.44 20.44 -0.52
N LYS E 62 -4.53 19.89 -1.33
CA LYS E 62 -3.44 20.68 -1.92
C LYS E 62 -2.59 21.40 -0.89
N GLU E 63 -2.19 20.66 0.13
CA GLU E 63 -1.34 21.20 1.16
C GLU E 63 -0.02 20.46 1.08
N ILE E 64 0.97 21.15 0.56
CA ILE E 64 2.28 20.59 0.35
C ILE E 64 2.91 20.04 1.62
N PRO E 65 2.79 20.76 2.75
CA PRO E 65 3.41 20.12 3.93
C PRO E 65 2.79 18.76 4.27
N VAL E 66 1.48 18.56 4.11
CA VAL E 66 0.89 17.23 4.31
C VAL E 66 1.37 16.22 3.27
N ILE E 67 1.48 16.68 2.02
CA ILE E 67 1.95 15.82 0.95
C ILE E 67 3.36 15.32 1.23
N LEU E 68 4.28 16.27 1.41
CA LEU E 68 5.68 15.95 1.66
C LEU E 68 5.92 15.14 2.94
N ALA E 69 5.34 15.59 4.05
CA ALA E 69 5.54 14.94 5.35
C ALA E 69 5.16 13.48 5.30
N ASN E 70 4.06 13.19 4.62
CA ASN E 70 3.55 11.84 4.59
C ASN E 70 4.28 10.91 3.62
N LEU E 71 4.71 11.43 2.47
CA LEU E 71 5.56 10.63 1.58
C LEU E 71 6.83 10.12 2.25
N ILE E 72 7.60 11.02 2.84
CA ILE E 72 8.86 10.62 3.44
C ILE E 72 8.70 9.75 4.68
N SER E 73 7.73 10.07 5.52
CA SER E 73 7.46 9.23 6.68
C SER E 73 7.21 7.76 6.30
N LEU E 74 6.50 7.53 5.20
CA LEU E 74 6.23 6.16 4.74
C LEU E 74 7.52 5.38 4.55
N ILE E 75 8.55 6.04 4.00
CA ILE E 75 9.85 5.41 3.82
C ILE E 75 10.34 4.88 5.15
N LEU E 76 10.29 5.74 6.15
CA LEU E 76 10.76 5.35 7.48
C LEU E 76 9.84 4.31 8.11
N ILE E 77 8.54 4.44 7.87
CA ILE E 77 7.62 3.47 8.45
C ILE E 77 7.90 2.07 7.86
N PHE E 78 8.15 2.01 6.55
CA PHE E 78 8.52 0.74 5.91
C PHE E 78 9.82 0.15 6.44
N LEU E 79 10.83 1.00 6.61
CA LEU E 79 12.09 0.59 7.22
C LEU E 79 11.87 -0.04 8.58
N ILE E 80 11.04 0.60 9.39
CA ILE E 80 10.76 0.11 10.72
C ILE E 80 10.04 -1.24 10.68
N ILE E 81 9.05 -1.36 9.82
CA ILE E 81 8.31 -2.60 9.68
C ILE E 81 9.23 -3.73 9.28
N PHE E 82 10.09 -3.43 8.31
CA PHE E 82 11.05 -4.39 7.79
C PHE E 82 11.92 -4.93 8.90
N MET E 83 12.37 -4.03 9.74
CA MET E 83 13.25 -4.37 10.83
C MET E 83 12.55 -5.04 12.02
N LYS E 84 11.31 -4.66 12.29
CA LYS E 84 10.53 -5.34 13.31
C LYS E 84 10.38 -6.80 12.89
N ILE E 85 10.12 -7.01 11.62
CA ILE E 85 9.95 -8.35 11.10
C ILE E 85 11.25 -9.16 11.05
N ARG E 86 12.40 -8.59 10.68
CA ARG E 86 13.61 -9.43 10.84
C ARG E 86 14.01 -9.64 12.31
N TYR E 87 13.98 -8.60 13.12
CA TYR E 87 14.44 -8.73 14.49
C TYR E 87 13.25 -8.86 15.42
N ASP F 6 -18.38 15.45 2.54
CA ASP F 6 -17.43 15.79 1.49
C ASP F 6 -16.37 14.71 1.36
N LEU F 7 -15.95 14.48 0.12
CA LEU F 7 -14.91 13.50 -0.19
C LEU F 7 -13.61 13.77 0.58
N ASN F 8 -13.15 15.01 0.51
CA ASN F 8 -11.92 15.38 1.19
C ASN F 8 -12.02 15.11 2.69
N ASN F 9 -13.12 15.53 3.32
CA ASN F 9 -13.26 15.30 4.76
C ASN F 9 -13.37 13.84 5.12
N LEU F 10 -14.07 13.07 4.30
CA LEU F 10 -14.19 11.64 4.54
C LEU F 10 -12.81 10.98 4.60
N ILE F 11 -11.95 11.30 3.62
CA ILE F 11 -10.61 10.73 3.54
C ILE F 11 -9.78 11.14 4.73
N GLY F 12 -9.87 12.41 5.12
CA GLY F 12 -9.11 12.91 6.24
C GLY F 12 -9.50 12.16 7.50
N ILE F 13 -10.81 11.99 7.69
CA ILE F 13 -11.32 11.34 8.88
C ILE F 13 -10.88 9.89 8.96
N ILE F 14 -10.99 9.20 7.84
CA ILE F 14 -10.60 7.82 7.82
C ILE F 14 -9.09 7.70 7.99
N ALA F 15 -8.32 8.55 7.31
CA ALA F 15 -6.88 8.58 7.49
C ALA F 15 -6.56 8.75 8.97
N GLY F 16 -7.26 9.69 9.60
CA GLY F 16 -7.07 10.04 11.00
C GLY F 16 -7.53 8.99 11.97
N ALA F 17 -8.63 8.32 11.62
CA ALA F 17 -9.15 7.25 12.45
C ALA F 17 -8.13 6.14 12.53
N ILE F 18 -7.53 5.83 11.40
CA ILE F 18 -6.56 4.76 11.34
C ILE F 18 -5.27 5.15 12.05
N THR F 19 -4.77 6.37 11.81
CA THR F 19 -3.47 6.76 12.39
C THR F 19 -3.53 6.96 13.89
N THR F 20 -4.63 7.51 14.39
CA THR F 20 -4.78 7.65 15.82
C THR F 20 -4.97 6.30 16.51
N SER F 21 -5.88 5.49 15.99
CA SER F 21 -6.18 4.25 16.68
C SER F 21 -5.03 3.26 16.53
N ALA F 22 -4.15 3.52 15.57
CA ALA F 22 -2.95 2.69 15.41
C ALA F 22 -2.07 2.71 16.66
N LEU F 23 -2.10 3.80 17.41
CA LEU F 23 -1.29 3.91 18.62
C LEU F 23 -1.82 2.98 19.71
N ILE F 24 -3.10 2.66 19.64
CA ILE F 24 -3.69 1.85 20.68
C ILE F 24 -3.00 0.46 20.87
N PRO F 25 -2.74 -0.31 19.79
CA PRO F 25 -2.00 -1.56 20.02
C PRO F 25 -0.60 -1.37 20.66
N GLN F 26 0.06 -0.25 20.41
CA GLN F 26 1.36 -0.02 21.04
C GLN F 26 1.22 0.23 22.54
N ALA F 27 0.22 1.03 22.90
CA ALA F 27 -0.10 1.30 24.30
C ALA F 27 -0.47 0.02 25.07
N LEU F 28 -1.40 -0.74 24.53
CA LEU F 28 -1.87 -1.98 25.14
C LEU F 28 -0.76 -2.99 25.32
N LYS F 29 0.14 -3.07 24.34
CA LYS F 29 1.20 -4.08 24.36
C LYS F 29 2.15 -3.79 25.52
N ILE F 30 2.52 -2.53 25.67
CA ILE F 30 3.37 -2.09 26.79
C ILE F 30 2.68 -2.31 28.12
N TYR F 31 1.39 -1.99 28.17
CA TYR F 31 0.67 -2.15 29.41
C TYR F 31 0.54 -3.62 29.77
N LYS F 32 0.29 -4.49 28.78
CA LYS F 32 0.09 -5.92 29.04
C LYS F 32 1.37 -6.65 29.40
N THR F 33 2.46 -6.29 28.74
CA THR F 33 3.73 -6.98 28.98
C THR F 33 4.53 -6.26 30.05
N LYS F 34 4.08 -5.06 30.43
CA LYS F 34 4.74 -4.21 31.41
C LYS F 34 6.20 -3.92 31.01
N SER F 35 6.50 -3.90 29.72
CA SER F 35 7.87 -3.64 29.27
C SER F 35 7.87 -2.79 28.01
N ALA F 36 8.83 -1.87 27.94
CA ALA F 36 8.94 -0.98 26.78
C ALA F 36 10.38 -0.67 26.45
N ARG F 37 11.29 -1.60 26.72
CA ARG F 37 12.71 -1.38 26.55
C ARG F 37 13.05 -0.92 25.11
N ASP F 38 12.49 -1.62 24.13
CA ASP F 38 12.84 -1.42 22.72
C ASP F 38 12.10 -0.25 22.06
N VAL F 39 11.05 0.23 22.73
CA VAL F 39 10.31 1.38 22.28
C VAL F 39 11.18 2.60 22.52
N SER F 40 11.20 3.50 21.54
CA SER F 40 12.06 4.68 21.60
C SER F 40 11.38 5.86 22.28
N LEU F 41 11.97 6.31 23.38
CA LEU F 41 11.42 7.46 24.09
C LEU F 41 11.62 8.72 23.26
N ALA F 42 12.75 8.83 22.57
CA ALA F 42 13.02 9.97 21.71
C ALA F 42 11.92 10.09 20.66
N MET F 43 11.59 9.00 20.01
CA MET F 43 10.55 9.03 19.00
C MET F 43 9.26 9.65 19.54
N PHE F 44 8.80 9.16 20.69
CA PHE F 44 7.50 9.59 21.21
C PHE F 44 7.49 10.96 21.82
N ILE F 45 8.59 11.36 22.46
CA ILE F 45 8.71 12.73 22.94
C ILE F 45 8.61 13.69 21.74
N PHE F 46 9.43 13.44 20.73
CA PHE F 46 9.46 14.30 19.56
C PHE F 46 8.17 14.18 18.78
N MET F 47 7.58 13.00 18.77
CA MET F 47 6.29 12.86 18.09
C MET F 47 5.22 13.76 18.73
N ALA F 48 5.18 13.81 20.06
CA ALA F 48 4.23 14.64 20.81
C ALA F 48 4.33 16.10 20.38
N ILE F 49 5.53 16.63 20.36
CA ILE F 49 5.73 18.00 19.94
C ILE F 49 5.28 18.26 18.52
N GLY F 50 5.71 17.42 17.61
CA GLY F 50 5.32 17.57 16.22
C GLY F 50 3.82 17.54 16.00
N ILE F 51 3.15 16.60 16.65
CA ILE F 51 1.71 16.45 16.54
C ILE F 51 0.97 17.65 17.14
N THR F 52 1.53 18.18 18.22
CA THR F 52 0.99 19.38 18.80
C THR F 52 1.06 20.53 17.78
N LEU F 53 2.15 20.57 17.01
CA LEU F 53 2.27 21.54 15.93
C LEU F 53 1.31 21.26 14.75
N TRP F 54 1.08 19.99 14.42
CA TRP F 54 0.10 19.63 13.38
C TRP F 54 -1.30 20.07 13.76
N PHE F 55 -1.65 19.93 15.04
CA PHE F 55 -2.93 20.41 15.54
C PHE F 55 -3.08 21.90 15.27
N PHE F 56 -2.08 22.67 15.67
CA PHE F 56 -2.06 24.11 15.39
C PHE F 56 -2.21 24.35 13.89
N TYR F 57 -1.45 23.59 13.08
CA TYR F 57 -1.54 23.67 11.62
C TYR F 57 -2.96 23.41 11.13
N GLY F 58 -3.59 22.37 11.67
CA GLY F 58 -4.95 22.05 11.30
C GLY F 58 -5.90 23.21 11.57
N VAL F 59 -5.69 23.90 12.69
CA VAL F 59 -6.52 25.04 13.01
C VAL F 59 -6.29 26.19 12.03
N LEU F 60 -5.05 26.49 11.70
CA LEU F 60 -4.80 27.58 10.74
C LEU F 60 -5.45 27.29 9.39
N ILE F 61 -5.31 26.05 8.93
CA ILE F 61 -5.81 25.61 7.63
C ILE F 61 -7.31 25.30 7.70
N LYS F 62 -7.91 25.40 8.89
CA LYS F 62 -9.36 25.15 9.07
C LYS F 62 -9.72 23.76 8.53
N GLU F 63 -8.92 22.79 8.92
CA GLU F 63 -9.12 21.42 8.48
C GLU F 63 -9.46 20.55 9.67
N ILE F 64 -10.74 20.31 9.89
CA ILE F 64 -11.21 19.58 11.06
C ILE F 64 -10.61 18.17 11.19
N PRO F 65 -10.51 17.42 10.08
CA PRO F 65 -9.88 16.11 10.32
C PRO F 65 -8.43 16.20 10.84
N VAL F 66 -7.64 17.18 10.43
CA VAL F 66 -6.30 17.35 10.99
C VAL F 66 -6.32 17.74 12.49
N ILE F 67 -7.25 18.62 12.81
CA ILE F 67 -7.47 19.08 14.17
C ILE F 67 -7.83 17.93 15.10
N LEU F 68 -8.89 17.22 14.74
CA LEU F 68 -9.42 16.15 15.56
C LEU F 68 -8.44 14.99 15.73
N ALA F 69 -7.89 14.52 14.61
CA ALA F 69 -6.98 13.39 14.62
C ALA F 69 -5.76 13.66 15.51
N ASN F 70 -5.25 14.88 15.43
CA ASN F 70 -4.06 15.19 16.19
C ASN F 70 -4.30 15.44 17.67
N LEU F 71 -5.44 16.05 18.02
CA LEU F 71 -5.78 16.18 19.42
C LEU F 71 -5.89 14.81 20.12
N ILE F 72 -6.65 13.89 19.54
CA ILE F 72 -6.86 12.60 20.19
C ILE F 72 -5.57 11.76 20.25
N SER F 73 -4.80 11.78 19.17
CA SER F 73 -3.51 11.09 19.16
C SER F 73 -2.58 11.55 20.27
N LEU F 74 -2.60 12.83 20.58
CA LEU F 74 -1.76 13.34 21.68
C LEU F 74 -2.09 12.65 23.00
N ILE F 75 -3.38 12.39 23.24
CA ILE F 75 -3.77 11.66 24.45
C ILE F 75 -3.05 10.32 24.53
N LEU F 76 -3.09 9.61 23.41
CA LEU F 76 -2.48 8.29 23.31
C LEU F 76 -0.96 8.35 23.37
N ILE F 77 -0.35 9.36 22.76
CA ILE F 77 1.10 9.49 22.82
C ILE F 77 1.61 9.83 24.24
N PHE F 78 0.90 10.72 24.95
CA PHE F 78 1.24 11.03 26.34
C PHE F 78 1.14 9.78 27.18
N LEU F 79 0.08 9.02 26.92
CA LEU F 79 -0.15 7.76 27.61
C LEU F 79 1.02 6.80 27.43
N ILE F 80 1.48 6.66 26.19
CA ILE F 80 2.62 5.81 25.83
C ILE F 80 3.91 6.30 26.47
N ILE F 81 4.13 7.61 26.41
CA ILE F 81 5.31 8.20 27.04
C ILE F 81 5.34 7.84 28.53
N PHE F 82 4.17 7.94 29.15
CA PHE F 82 3.98 7.64 30.55
C PHE F 82 4.37 6.20 30.88
N MET F 83 3.97 5.28 30.03
CA MET F 83 4.28 3.89 30.28
C MET F 83 5.72 3.52 29.95
N LYS F 84 6.30 4.17 28.95
CA LYS F 84 7.71 3.98 28.69
C LYS F 84 8.54 4.34 29.91
N ILE F 85 8.20 5.47 30.54
CA ILE F 85 8.94 5.94 31.70
C ILE F 85 8.69 5.08 32.91
N ARG F 86 7.45 4.67 33.11
CA ARG F 86 7.13 3.78 34.22
C ARG F 86 7.70 2.38 33.95
N TYR F 87 7.54 1.88 32.74
CA TYR F 87 7.99 0.54 32.40
C TYR F 87 9.26 0.53 31.54
C18 OLC G . 18.87 -8.35 -23.92
C10 OLC G . 11.64 -4.58 -28.82
C9 OLC G . 11.26 -3.56 -29.57
C17 OLC G . 17.72 -7.42 -24.28
C11 OLC G . 12.92 -4.53 -28.01
C8 OLC G . 12.11 -2.30 -29.62
C24 OLC G . 12.43 6.36 -38.46
C16 OLC G . 17.82 -6.88 -25.70
C12 OLC G . 13.03 -5.71 -27.04
C7 OLC G . 13.07 -2.30 -30.80
C15 OLC G . 16.60 -7.23 -26.56
C13 OLC G . 14.25 -6.59 -27.30
C6 OLC G . 12.59 -1.37 -31.92
C14 OLC G . 15.51 -6.15 -26.55
C5 OLC G . 13.68 -1.10 -32.94
C4 OLC G . 13.92 0.40 -33.04
C3 OLC G . 12.69 1.07 -33.64
C2 OLC G . 12.91 2.56 -33.94
C21 OLC G . 12.54 4.08 -37.44
C1 OLC G . 12.94 2.72 -35.44
C22 OLC G . 13.32 5.18 -38.10
O19 OLC G . 12.97 1.74 -36.16
O25 OLC G . 12.16 6.30 -39.87
O23 OLC G . 14.32 5.58 -37.16
O20 OLC G . 12.94 4.02 -36.07
S SO4 H . -1.35 -1.77 -33.73
O1 SO4 H . -2.61 -1.04 -33.71
O2 SO4 H . -0.65 -1.46 -34.97
O3 SO4 H . -1.61 -3.20 -33.63
O4 SO4 H . -0.53 -1.40 -32.57
S SO4 I . 8.27 17.78 -20.44
O1 SO4 I . 7.56 18.95 -19.97
O2 SO4 I . 9.36 18.21 -21.33
O3 SO4 I . 7.35 16.93 -21.19
O4 SO4 I . 8.78 17.04 -19.29
S SO4 J . -2.54 -25.09 1.15
O1 SO4 J . -2.97 -24.07 0.18
O2 SO4 J . -3.61 -26.08 1.29
O3 SO4 J . -2.25 -24.50 2.45
O4 SO4 J . -1.32 -25.75 0.64
S SO4 K . -5.12 3.81 -23.00
O1 SO4 K . -4.74 5.01 -22.26
O2 SO4 K . -6.10 4.18 -24.03
O3 SO4 K . -5.71 2.83 -22.10
O4 SO4 K . -3.92 3.20 -23.60
S SO4 L . -8.15 -14.48 16.27
O1 SO4 L . -7.31 -13.54 15.52
O2 SO4 L . -9.31 -13.75 16.79
O3 SO4 L . -7.42 -15.04 17.42
O4 SO4 L . -8.60 -15.57 15.42
S SO4 M . -17.36 -32.82 11.46
O1 SO4 M . -18.74 -33.25 11.67
O2 SO4 M . -17.28 -31.96 10.28
O3 SO4 M . -16.90 -32.07 12.62
O4 SO4 M . -16.51 -33.99 11.26
C18 OLC N . -8.20 1.69 3.60
C10 OLC N . -11.64 6.83 -2.43
C9 OLC N . -11.25 8.01 -2.91
C17 OLC N . -7.72 1.66 2.17
C11 OLC N . -10.67 5.68 -2.29
C8 OLC N . -9.83 8.09 -3.35
C24 OLC N . -6.62 16.86 -8.74
C16 OLC N . -8.83 1.32 1.20
C12 OLC N . -10.46 5.45 -0.81
C7 OLC N . -9.16 9.40 -3.03
C15 OLC N . -10.02 2.28 1.36
C13 OLC N . -10.62 3.99 -0.40
C6 OLC N . -7.70 9.03 -3.03
C14 OLC N . -9.70 3.66 0.79
C5 OLC N . -6.90 10.29 -3.05
C4 OLC N . -6.77 10.79 -4.47
C3 OLC N . -5.30 11.13 -4.65
C2 OLC N . -5.05 11.72 -6.03
C21 OLC N . -6.20 15.20 -7.02
C1 OLC N . -5.44 13.18 -5.94
C22 OLC N . -5.59 16.38 -7.75
O19 OLC N . -5.82 13.64 -4.88
O25 OLC N . -7.67 17.52 -8.02
O23 OLC N . -5.35 17.44 -6.80
O20 OLC N . -5.35 14.08 -7.07
C18 OLC O . -2.00 2.63 -3.24
C10 OLC O . 1.09 -1.82 3.75
C9 OLC O . 2.24 -1.76 4.43
C17 OLC O . -0.64 2.87 -2.61
C11 OLC O . 0.40 -0.53 3.37
C8 OLC O . 2.98 -3.02 4.79
C24 OLC O . 12.79 -11.21 6.49
C16 OLC O . 0.13 1.59 -2.33
C12 OLC O . 0.71 -0.22 1.90
C7 OLC O . 4.01 -3.27 3.68
C15 OLC O . -0.15 1.01 -0.95
C13 OLC O . 0.36 1.22 1.53
C6 OLC O . 5.44 -3.35 4.15
C14 OLC O . 0.78 1.61 0.11
C5 OLC O . 5.88 -4.78 4.47
C4 OLC O . 7.39 -4.81 4.65
C3 OLC O . 7.87 -6.21 4.99
C2 OLC O . 9.39 -6.29 4.79
C21 OLC O . 11.34 -9.59 5.24
C1 OLC O . 9.79 -7.68 5.18
C22 OLC O . 12.67 -9.79 5.94
O19 OLC O . 8.96 -8.41 5.66
O25 OLC O . 14.04 -11.41 7.15
O23 OLC O . 13.70 -9.59 4.98
O20 OLC O . 11.13 -8.20 5.00
S SO4 P . 1.73 -6.91 17.96
O1 SO4 P . 0.95 -5.69 17.89
O2 SO4 P . 1.18 -7.87 17.00
O3 SO4 P . 1.70 -7.46 19.31
O4 SO4 P . 3.12 -6.63 17.61
C18 OLC Q . 9.28 22.60 18.35
C10 OLC Q . 4.67 29.06 16.33
C9 OLC Q . 3.96 30.18 16.17
C17 OLC Q . 9.06 23.67 19.40
C11 OLC Q . 6.05 29.13 16.98
C8 OLC Q . 2.58 30.17 15.52
C24 OLC Q . -8.30 29.80 12.99
C16 OLC Q . 7.85 24.50 19.04
C12 OLC Q . 6.35 28.00 17.95
C7 OLC Q . 2.00 28.77 15.51
C15 OLC Q . 7.97 25.91 19.58
C13 OLC Q . 7.41 27.05 17.41
C6 OLC Q . 0.85 28.57 16.49
C14 OLC Q . 8.48 26.82 18.47
C5 OLC Q . -0.47 29.17 16.00
C4 OLC Q . -1.25 28.13 15.19
C3 OLC Q . -2.66 27.91 15.76
C2 OLC Q . -3.29 29.25 16.08
C21 OLC Q . -6.79 30.22 14.93
C1 OLC Q . -4.80 29.34 16.02
C22 OLC Q . -7.29 30.77 13.60
O19 OLC Q . -5.49 29.27 17.04
O25 OLC Q . -8.18 29.80 11.56
O23 OLC Q . -7.90 32.04 13.86
O20 OLC Q . -5.52 29.58 14.78
#